data_7TJ1
#
_entry.id   7TJ1
#
_cell.length_a   89.955
_cell.length_b   92.244
_cell.length_c   63.405
_cell.angle_alpha   90.000
_cell.angle_beta   90.000
_cell.angle_gamma   90.000
#
_symmetry.space_group_name_H-M   'P 21 21 21'
#
loop_
_entity.id
_entity.type
_entity.pdbx_description
1 polymer 'Putative fluoride ion transporter CrcB'
2 non-polymer 1,2-ETHANEDIOL
3 non-polymer 'FORMIC ACID'
4 non-polymer 'FLUORIDE ION'
5 non-polymer 'ACETATE ION'
6 non-polymer DI(HYDROXYETHYL)ETHER
7 water water
#
_entity_poly.entity_id   1
_entity_poly.type   'polypeptide(L)'
_entity_poly.pdbx_seq_one_letter_code
;SNAG(MSE)KFGEKSADILHRYPP(MSE)ASIIDSGLVTVESRHSVAETIERVAAKAKS(MSE)G(MSE)NVFTRVDHGA
GAKEAGLGLPPTELIIFGNPQNGTVL(MSE)QDKRTIGLDLPIRALAWEDGSGKVWLTVNDPAWLAQRHSLGLSSDVAIK
A(MSE)VTGTGTVTKYAAGD
;
_entity_poly.pdbx_strand_id   A,B,C,D
#
# COMPACT_ATOMS: atom_id res chain seq x y z
N ASP A 26 5.66 -30.79 -9.36
CA ASP A 26 5.72 -29.52 -10.07
C ASP A 26 5.60 -28.33 -9.10
N SER A 27 6.39 -27.29 -9.35
CA SER A 27 6.38 -26.13 -8.47
C SER A 27 5.21 -25.19 -8.73
N GLY A 28 4.64 -25.21 -9.92
CA GLY A 28 3.63 -24.26 -10.30
C GLY A 28 4.15 -22.88 -10.63
N LEU A 29 5.46 -22.70 -10.66
CA LEU A 29 6.07 -21.42 -11.01
C LEU A 29 6.18 -21.29 -12.52
N VAL A 30 5.71 -20.18 -13.07
CA VAL A 30 5.79 -19.90 -14.49
C VAL A 30 6.69 -18.69 -14.67
N THR A 31 7.87 -18.90 -15.25
CA THR A 31 8.85 -17.83 -15.42
C THR A 31 9.14 -17.66 -16.92
N VAL A 32 8.99 -16.42 -17.40
CA VAL A 32 9.31 -16.09 -18.78
C VAL A 32 10.32 -14.94 -18.79
N GLU A 33 11.11 -14.89 -19.87
CA GLU A 33 12.02 -13.78 -20.07
C GLU A 33 11.27 -12.54 -20.53
N SER A 34 11.72 -11.38 -20.07
CA SER A 34 11.10 -10.12 -20.43
C SER A 34 11.99 -9.34 -21.38
N ARG A 35 11.36 -8.57 -22.27
CA ARG A 35 12.06 -7.71 -23.20
C ARG A 35 12.29 -6.31 -22.62
N HIS A 36 11.96 -6.09 -21.35
CA HIS A 36 12.05 -4.78 -20.73
C HIS A 36 12.72 -4.90 -19.37
N SER A 37 13.08 -3.75 -18.81
CA SER A 37 13.65 -3.71 -17.47
C SER A 37 12.61 -4.12 -16.43
N VAL A 38 13.07 -4.26 -15.19
CA VAL A 38 12.18 -4.66 -14.11
C VAL A 38 11.07 -3.62 -13.92
N ALA A 39 11.45 -2.34 -13.84
CA ALA A 39 10.46 -1.28 -13.63
C ALA A 39 9.45 -1.24 -14.77
N GLU A 40 9.93 -1.27 -16.01
CA GLU A 40 9.01 -1.22 -17.15
C GLU A 40 8.13 -2.46 -17.22
N THR A 41 8.66 -3.62 -16.84
CA THR A 41 7.84 -4.83 -16.83
C THR A 41 6.69 -4.71 -15.84
N ILE A 42 6.98 -4.18 -14.64
CA ILE A 42 5.94 -4.03 -13.63
C ILE A 42 4.89 -3.02 -14.09
N GLU A 43 5.32 -1.92 -14.69
CA GLU A 43 4.35 -0.94 -15.18
C GLU A 43 3.52 -1.51 -16.32
N ARG A 44 4.09 -2.43 -17.11
CA ARG A 44 3.30 -3.09 -18.14
C ARG A 44 2.29 -4.06 -17.52
N VAL A 45 2.65 -4.72 -16.42
CA VAL A 45 1.68 -5.57 -15.72
C VAL A 45 0.52 -4.72 -15.21
N ALA A 46 0.84 -3.60 -14.54
CA ALA A 46 -0.18 -2.73 -14.00
C ALA A 46 -1.08 -2.18 -15.10
N ALA A 47 -0.46 -1.67 -16.18
CA ALA A 47 -1.25 -1.08 -17.27
C ALA A 47 -2.18 -2.09 -17.90
N LYS A 48 -1.71 -3.31 -18.14
CA LYS A 48 -2.55 -4.31 -18.79
C LYS A 48 -3.61 -4.84 -17.83
N ALA A 49 -3.25 -5.05 -16.56
CA ALA A 49 -4.24 -5.50 -15.58
C ALA A 49 -5.36 -4.48 -15.42
N LYS A 50 -5.01 -3.19 -15.37
CA LYS A 50 -6.03 -2.16 -15.21
C LYS A 50 -6.95 -2.09 -16.42
N SER A 51 -6.39 -2.20 -17.63
CA SER A 51 -7.21 -2.10 -18.84
C SER A 51 -8.19 -3.26 -18.95
N GLY A 53 -9.79 -4.34 -16.37
CA GLY A 53 -10.69 -4.18 -15.24
C GLY A 53 -10.22 -4.79 -13.95
N ASN A 55 -7.91 -4.52 -10.38
CA ASN A 55 -7.33 -3.52 -9.48
C ASN A 55 -5.88 -3.88 -9.17
N VAL A 56 -5.05 -2.85 -9.02
CA VAL A 56 -3.69 -3.00 -8.54
C VAL A 56 -3.69 -2.68 -7.05
N PHE A 57 -3.33 -3.66 -6.23
CA PHE A 57 -3.43 -3.52 -4.78
C PHE A 57 -2.17 -2.90 -4.18
N THR A 58 -0.99 -3.39 -4.54
CA THR A 58 0.24 -2.84 -4.00
C THR A 58 1.42 -3.32 -4.84
N ARG A 59 2.57 -2.68 -4.61
CA ARG A 59 3.85 -3.11 -5.16
C ARG A 59 4.86 -3.18 -4.03
N VAL A 60 5.65 -4.25 -4.00
CA VAL A 60 6.66 -4.46 -2.99
C VAL A 60 8.01 -4.49 -3.68
N ASP A 61 8.83 -3.47 -3.44
CA ASP A 61 10.16 -3.36 -4.05
C ASP A 61 11.13 -4.13 -3.17
N HIS A 62 11.31 -5.42 -3.49
CA HIS A 62 12.24 -6.26 -2.75
C HIS A 62 13.67 -5.74 -2.86
N GLY A 63 14.02 -5.14 -3.99
CA GLY A 63 15.36 -4.58 -4.14
C GLY A 63 15.60 -3.41 -3.22
N ALA A 64 14.59 -2.54 -3.04
CA ALA A 64 14.76 -1.40 -2.15
C ALA A 64 14.80 -1.84 -0.69
N GLY A 65 14.01 -2.85 -0.33
CA GLY A 65 14.08 -3.37 1.02
C GLY A 65 15.44 -3.98 1.33
N ALA A 66 16.06 -4.60 0.33
CA ALA A 66 17.41 -5.15 0.52
C ALA A 66 18.43 -4.03 0.74
N LYS A 67 18.30 -2.93 0.00
CA LYS A 67 19.27 -1.83 0.13
C LYS A 67 19.20 -1.18 1.50
N GLU A 68 18.02 -1.14 2.12
CA GLU A 68 17.89 -0.55 3.44
C GLU A 68 18.30 -1.49 4.55
N ALA A 69 18.38 -2.79 4.27
CA ALA A 69 18.91 -3.77 5.22
C ALA A 69 20.42 -3.88 5.14
N GLY A 70 21.08 -3.10 4.31
CA GLY A 70 22.51 -3.20 4.12
C GLY A 70 22.97 -4.37 3.27
N LEU A 71 22.05 -5.04 2.58
CA LEU A 71 22.37 -6.21 1.77
C LEU A 71 22.23 -5.90 0.29
N GLY A 72 22.87 -6.72 -0.53
CA GLY A 72 22.83 -6.58 -1.96
C GLY A 72 21.76 -7.46 -2.60
N LEU A 73 21.06 -6.89 -3.57
CA LEU A 73 20.07 -7.61 -4.35
C LEU A 73 19.79 -6.81 -5.62
N PRO A 74 19.84 -7.42 -6.79
CA PRO A 74 19.54 -6.70 -8.04
C PRO A 74 18.08 -6.33 -8.09
N PRO A 75 17.67 -5.49 -9.05
CA PRO A 75 16.26 -5.08 -9.13
C PRO A 75 15.28 -6.25 -9.04
N THR A 76 14.35 -6.13 -8.10
CA THR A 76 13.40 -7.19 -7.78
C THR A 76 12.14 -6.53 -7.27
N GLU A 77 11.02 -6.73 -7.99
CA GLU A 77 9.78 -6.05 -7.62
C GLU A 77 8.61 -7.01 -7.74
N LEU A 78 7.73 -6.94 -6.74
CA LEU A 78 6.50 -7.72 -6.70
C LEU A 78 5.31 -6.79 -6.88
N ILE A 79 4.35 -7.21 -7.71
CA ILE A 79 3.12 -6.45 -7.91
C ILE A 79 1.94 -7.37 -7.61
N ILE A 80 0.91 -6.81 -6.97
CA ILE A 80 -0.25 -7.56 -6.52
C ILE A 80 -1.48 -6.93 -7.17
N PHE A 81 -2.22 -7.74 -7.91
CA PHE A 81 -3.33 -7.25 -8.71
C PHE A 81 -4.37 -8.35 -8.85
N GLY A 82 -5.59 -7.97 -9.22
CA GLY A 82 -6.62 -8.97 -9.44
C GLY A 82 -8.00 -8.34 -9.56
N ASN A 83 -8.93 -9.18 -10.03
CA ASN A 83 -10.33 -8.80 -10.17
C ASN A 83 -11.11 -9.35 -9.00
N PRO A 84 -11.56 -8.52 -8.06
CA PRO A 84 -12.25 -9.06 -6.87
C PRO A 84 -13.51 -9.84 -7.20
N GLN A 85 -14.18 -9.53 -8.31
CA GLN A 85 -15.34 -10.32 -8.72
C GLN A 85 -14.95 -11.78 -8.92
N ASN A 86 -13.86 -12.01 -9.65
CA ASN A 86 -13.42 -13.37 -9.92
C ASN A 86 -12.82 -14.02 -8.68
N GLY A 87 -12.01 -13.28 -7.92
CA GLY A 87 -11.38 -13.84 -6.73
C GLY A 87 -12.38 -14.23 -5.67
N THR A 88 -13.52 -13.52 -5.58
CA THR A 88 -14.53 -13.85 -4.58
C THR A 88 -15.14 -15.22 -4.84
N VAL A 89 -15.43 -15.54 -6.10
CA VAL A 89 -15.99 -16.85 -6.43
C VAL A 89 -15.03 -17.96 -6.02
N LEU A 90 -13.73 -17.73 -6.23
CA LEU A 90 -12.73 -18.72 -5.81
C LEU A 90 -12.77 -18.93 -4.30
N GLN A 92 -15.23 -18.26 -2.20
CA GLN A 92 -16.50 -18.85 -1.78
C GLN A 92 -16.45 -20.38 -1.83
N ASP A 93 -15.57 -20.94 -2.66
CA ASP A 93 -15.38 -22.39 -2.72
C ASP A 93 -14.46 -22.87 -1.61
N LYS A 94 -13.24 -22.33 -1.58
CA LYS A 94 -12.26 -22.64 -0.54
C LYS A 94 -11.63 -21.33 -0.09
N ARG A 95 -11.88 -20.95 1.17
CA ARG A 95 -11.46 -19.63 1.63
C ARG A 95 -9.94 -19.50 1.74
N THR A 96 -9.22 -20.61 1.93
CA THR A 96 -7.78 -20.52 2.12
C THR A 96 -7.05 -19.99 0.90
N ILE A 97 -7.66 -20.03 -0.28
CA ILE A 97 -6.98 -19.48 -1.46
C ILE A 97 -6.85 -17.97 -1.34
N GLY A 98 -7.60 -17.33 -0.44
CA GLY A 98 -7.38 -15.93 -0.14
C GLY A 98 -6.01 -15.62 0.42
N LEU A 99 -5.29 -16.65 0.89
CA LEU A 99 -3.91 -16.46 1.29
C LEU A 99 -3.01 -16.18 0.10
N ASP A 100 -3.33 -16.74 -1.07
CA ASP A 100 -2.52 -16.63 -2.27
C ASP A 100 -3.11 -15.67 -3.29
N LEU A 101 -4.22 -15.01 -2.96
CA LEU A 101 -4.83 -13.96 -3.75
C LEU A 101 -4.64 -12.61 -3.07
N PRO A 102 -4.63 -11.50 -3.83
CA PRO A 102 -4.78 -11.36 -5.28
C PRO A 102 -3.56 -11.87 -6.04
N ILE A 103 -3.64 -11.87 -7.38
CA ILE A 103 -2.58 -12.42 -8.21
C ILE A 103 -1.28 -11.68 -7.93
N ARG A 104 -0.19 -12.44 -7.83
CA ARG A 104 1.14 -11.91 -7.60
C ARG A 104 2.01 -12.18 -8.82
N ALA A 105 2.87 -11.19 -9.15
CA ALA A 105 3.80 -11.30 -10.26
C ALA A 105 5.13 -10.70 -9.82
N LEU A 106 6.22 -11.42 -10.08
CA LEU A 106 7.55 -10.99 -9.66
C LEU A 106 8.40 -10.71 -10.88
N ALA A 107 8.83 -9.47 -11.03
CA ALA A 107 9.81 -9.10 -12.04
C ALA A 107 11.17 -8.94 -11.37
N TRP A 108 12.20 -9.56 -11.95
CA TRP A 108 13.51 -9.57 -11.32
C TRP A 108 14.59 -9.66 -12.38
N GLU A 109 15.73 -9.05 -12.07
CA GLU A 109 16.92 -9.07 -12.92
C GLU A 109 17.95 -9.99 -12.30
N ASP A 110 18.50 -10.90 -13.11
CA ASP A 110 19.54 -11.78 -12.61
C ASP A 110 20.89 -11.07 -12.70
N GLY A 111 21.95 -11.72 -12.20
CA GLY A 111 23.26 -11.11 -12.17
C GLY A 111 23.83 -10.78 -13.53
N SER A 112 23.32 -11.42 -14.59
CA SER A 112 23.79 -11.17 -15.94
C SER A 112 23.05 -10.03 -16.63
N GLY A 113 22.04 -9.46 -16.00
CA GLY A 113 21.27 -8.38 -16.59
C GLY A 113 20.02 -8.81 -17.32
N LYS A 114 19.71 -10.10 -17.35
CA LYS A 114 18.48 -10.57 -17.96
C LYS A 114 17.32 -10.42 -16.99
N VAL A 115 16.16 -10.02 -17.51
CA VAL A 115 14.98 -9.75 -16.71
C VAL A 115 13.99 -10.89 -16.91
N TRP A 116 13.43 -11.36 -15.80
CA TRP A 116 12.46 -12.45 -15.80
C TRP A 116 11.16 -11.96 -15.17
N LEU A 117 10.06 -12.64 -15.52
CA LEU A 117 8.75 -12.38 -14.95
C LEU A 117 8.16 -13.71 -14.50
N THR A 118 7.85 -13.81 -13.20
CA THR A 118 7.44 -15.07 -12.58
C THR A 118 6.06 -14.92 -11.97
N VAL A 119 5.17 -15.88 -12.25
CA VAL A 119 3.81 -15.89 -11.72
C VAL A 119 3.44 -17.32 -11.32
N ASN A 120 2.38 -17.43 -10.54
CA ASN A 120 1.82 -18.75 -10.22
C ASN A 120 0.97 -19.26 -11.37
N ASP A 121 1.09 -20.56 -11.63
CA ASP A 121 0.14 -21.23 -12.50
C ASP A 121 -1.19 -21.32 -11.76
N PRO A 122 -2.26 -20.68 -12.24
CA PRO A 122 -3.54 -20.74 -11.52
C PRO A 122 -4.06 -22.15 -11.33
N ALA A 123 -3.84 -23.05 -12.30
CA ALA A 123 -4.28 -24.44 -12.13
C ALA A 123 -3.56 -25.08 -10.95
N TRP A 124 -2.26 -24.81 -10.80
CA TRP A 124 -1.53 -25.29 -9.64
C TRP A 124 -2.09 -24.73 -8.35
N LEU A 125 -2.48 -23.44 -8.36
CA LEU A 125 -3.11 -22.85 -7.18
C LEU A 125 -4.43 -23.52 -6.86
N ALA A 126 -5.23 -23.83 -7.87
CA ALA A 126 -6.48 -24.53 -7.65
C ALA A 126 -6.24 -25.89 -6.99
N GLN A 127 -5.22 -26.61 -7.44
CA GLN A 127 -4.87 -27.88 -6.82
C GLN A 127 -4.42 -27.68 -5.38
N ARG A 128 -3.67 -26.61 -5.10
CA ARG A 128 -3.14 -26.43 -3.75
C ARG A 128 -4.25 -26.31 -2.72
N HIS A 129 -5.33 -25.60 -3.06
CA HIS A 129 -6.44 -25.38 -2.15
C HIS A 129 -7.63 -26.30 -2.42
N SER A 130 -7.47 -27.28 -3.32
CA SER A 130 -8.48 -28.32 -3.57
C SER A 130 -9.80 -27.72 -4.04
N LEU A 131 -9.71 -26.75 -4.96
CA LEU A 131 -10.92 -26.15 -5.51
C LEU A 131 -11.76 -27.18 -6.26
N GLY A 132 -13.07 -26.92 -6.29
CA GLY A 132 -14.01 -27.82 -6.93
C GLY A 132 -14.59 -27.25 -8.20
N LEU A 133 -15.71 -27.85 -8.63
CA LEU A 133 -16.33 -27.49 -9.90
C LEU A 133 -16.92 -26.09 -9.89
N SER A 134 -17.39 -25.61 -8.74
CA SER A 134 -17.98 -24.28 -8.68
C SER A 134 -16.97 -23.18 -9.00
N SER A 135 -15.67 -23.47 -8.91
CA SER A 135 -14.63 -22.51 -9.24
C SER A 135 -14.16 -22.60 -10.68
N ASP A 136 -14.76 -23.47 -11.49
CA ASP A 136 -14.18 -23.79 -12.79
C ASP A 136 -14.10 -22.57 -13.70
N VAL A 137 -15.21 -21.83 -13.84
CA VAL A 137 -15.20 -20.65 -14.71
C VAL A 137 -14.24 -19.61 -14.18
N ALA A 138 -14.17 -19.45 -12.86
CA ALA A 138 -13.29 -18.44 -12.27
C ALA A 138 -11.82 -18.79 -12.46
N ILE A 139 -11.49 -20.09 -12.39
CA ILE A 139 -10.11 -20.50 -12.59
C ILE A 139 -9.65 -20.22 -14.01
N LYS A 140 -10.50 -20.55 -14.99
CA LYS A 140 -10.16 -20.27 -16.38
C LYS A 140 -10.02 -18.76 -16.61
N ALA A 141 -10.86 -17.96 -15.96
CA ALA A 141 -10.72 -16.51 -16.04
C ALA A 141 -9.38 -16.06 -15.49
N VAL A 143 -6.71 -17.97 -15.30
CA VAL A 143 -5.72 -18.48 -16.25
C VAL A 143 -5.57 -17.52 -17.43
N THR A 144 -6.70 -17.11 -18.01
CA THR A 144 -6.65 -16.18 -19.15
C THR A 144 -6.09 -14.84 -18.74
N GLY A 145 -6.51 -14.32 -17.58
CA GLY A 145 -6.02 -13.02 -17.13
C GLY A 145 -4.52 -13.03 -16.87
N THR A 146 -4.04 -14.08 -16.19
CA THR A 146 -2.60 -14.17 -15.91
C THR A 146 -1.81 -14.29 -17.20
N GLY A 147 -2.26 -15.11 -18.14
CA GLY A 147 -1.54 -15.29 -19.38
C GLY A 147 -1.47 -14.02 -20.20
N THR A 148 -2.62 -13.34 -20.35
CA THR A 148 -2.68 -12.12 -21.14
C THR A 148 -1.76 -11.04 -20.57
N VAL A 149 -1.83 -10.83 -19.25
CA VAL A 149 -0.99 -9.82 -18.61
C VAL A 149 0.49 -10.19 -18.73
N THR A 150 0.81 -11.47 -18.53
CA THR A 150 2.21 -11.90 -18.57
C THR A 150 2.79 -11.77 -19.98
N LYS A 151 2.05 -12.21 -21.00
CA LYS A 151 2.54 -12.12 -22.36
C LYS A 151 2.73 -10.67 -22.78
N TYR A 152 1.78 -9.81 -22.44
CA TYR A 152 1.90 -8.39 -22.80
C TYR A 152 3.09 -7.74 -22.10
N ALA A 153 3.21 -7.97 -20.78
CA ALA A 153 4.24 -7.28 -20.01
C ALA A 153 5.64 -7.73 -20.40
N ALA A 154 5.80 -9.00 -20.78
CA ALA A 154 7.13 -9.53 -21.11
C ALA A 154 7.50 -9.32 -22.57
N GLY A 155 6.51 -9.24 -23.47
CA GLY A 155 6.78 -9.07 -24.88
C GLY A 155 6.81 -7.62 -25.30
N ASP A 156 7.04 -7.41 -26.60
CA ASP A 156 7.05 -6.08 -27.18
C ASP A 156 5.69 -5.73 -27.77
N ASP B 26 -3.31 32.37 -2.17
CA ASP B 26 -2.00 31.74 -2.09
C ASP B 26 -2.11 30.30 -1.62
N SER B 27 -2.34 29.40 -2.58
CA SER B 27 -2.65 28.01 -2.26
C SER B 27 -1.41 27.17 -2.01
N GLY B 28 -0.24 27.59 -2.50
CA GLY B 28 0.92 26.72 -2.44
C GLY B 28 0.88 25.57 -3.42
N LEU B 29 -0.03 25.60 -4.39
CA LEU B 29 -0.13 24.56 -5.40
C LEU B 29 0.74 24.93 -6.59
N VAL B 30 1.56 23.98 -7.04
CA VAL B 30 2.36 24.13 -8.24
C VAL B 30 1.83 23.14 -9.27
N THR B 31 1.42 23.64 -10.43
CA THR B 31 0.80 22.83 -11.47
C THR B 31 1.44 23.15 -12.80
N VAL B 32 1.95 22.13 -13.48
CA VAL B 32 2.60 22.28 -14.78
C VAL B 32 1.99 21.29 -15.77
N GLU B 33 2.00 21.67 -17.05
CA GLU B 33 1.59 20.75 -18.10
C GLU B 33 2.55 19.59 -18.20
N SER B 34 2.03 18.42 -18.50
CA SER B 34 2.82 17.22 -18.69
C SER B 34 2.82 16.83 -20.17
N ARG B 35 3.95 16.34 -20.65
CA ARG B 35 4.07 15.85 -22.01
C ARG B 35 3.63 14.39 -22.15
N HIS B 36 3.10 13.79 -21.08
CA HIS B 36 2.77 12.37 -21.06
C HIS B 36 1.38 12.18 -20.49
N SER B 37 0.84 10.98 -20.72
CA SER B 37 -0.43 10.61 -20.13
C SER B 37 -0.33 10.58 -18.61
N VAL B 38 -1.48 10.44 -17.96
CA VAL B 38 -1.52 10.39 -16.50
C VAL B 38 -0.71 9.20 -15.99
N ALA B 39 -0.96 8.02 -16.55
CA ALA B 39 -0.24 6.82 -16.11
C ALA B 39 1.25 6.97 -16.34
N GLU B 40 1.65 7.45 -17.52
CA GLU B 40 3.08 7.57 -17.82
C GLU B 40 3.74 8.64 -16.97
N THR B 41 3.02 9.73 -16.68
CA THR B 41 3.58 10.78 -15.83
C THR B 41 3.87 10.25 -14.43
N ILE B 42 2.97 9.44 -13.88
CA ILE B 42 3.19 8.86 -12.56
C ILE B 42 4.37 7.89 -12.59
N GLU B 43 4.48 7.09 -13.65
CA GLU B 43 5.60 6.17 -13.77
C GLU B 43 6.92 6.91 -13.79
N ARG B 44 6.97 8.08 -14.44
CA ARG B 44 8.20 8.86 -14.48
C ARG B 44 8.50 9.50 -13.12
N VAL B 45 7.47 9.90 -12.38
CA VAL B 45 7.67 10.35 -11.00
C VAL B 45 8.33 9.24 -10.18
N ALA B 46 7.80 8.02 -10.27
CA ALA B 46 8.32 6.92 -9.48
C ALA B 46 9.76 6.59 -9.85
N ALA B 47 10.03 6.49 -11.16
CA ALA B 47 11.37 6.13 -11.61
C ALA B 47 12.39 7.20 -11.20
N LYS B 48 12.04 8.48 -11.36
CA LYS B 48 12.96 9.54 -10.99
C LYS B 48 13.17 9.60 -9.48
N ALA B 49 12.10 9.40 -8.71
CA ALA B 49 12.23 9.43 -7.26
C ALA B 49 13.15 8.31 -6.77
N LYS B 50 13.02 7.11 -7.32
CA LYS B 50 13.84 6.00 -6.88
C LYS B 50 15.31 6.22 -7.24
N SER B 51 15.57 6.77 -8.42
CA SER B 51 16.95 7.02 -8.83
C SER B 51 17.62 8.09 -7.97
N GLY B 53 17.18 8.12 -4.71
CA GLY B 53 17.21 7.55 -3.37
C GLY B 53 15.95 7.76 -2.55
N ASN B 55 11.98 6.75 -1.53
CA ASN B 55 11.10 5.60 -1.53
C ASN B 55 9.73 6.00 -2.09
N VAL B 56 9.08 5.04 -2.73
CA VAL B 56 7.70 5.20 -3.18
C VAL B 56 6.81 4.49 -2.18
N PHE B 57 5.88 5.22 -1.57
CA PHE B 57 5.08 4.66 -0.48
C PHE B 57 3.77 4.05 -0.97
N THR B 58 3.06 4.72 -1.86
CA THR B 58 1.81 4.18 -2.39
C THR B 58 1.37 5.04 -3.57
N ARG B 59 0.38 4.51 -4.30
CA ARG B 59 -0.29 5.22 -5.38
C ARG B 59 -1.79 5.09 -5.19
N VAL B 60 -2.51 6.19 -5.35
CA VAL B 60 -3.96 6.20 -5.24
C VAL B 60 -4.55 6.56 -6.60
N ASP B 61 -5.34 5.66 -7.16
CA ASP B 61 -5.98 5.88 -8.46
C ASP B 61 -7.36 6.46 -8.20
N HIS B 62 -7.44 7.79 -8.09
CA HIS B 62 -8.71 8.46 -7.86
C HIS B 62 -9.70 8.15 -8.97
N GLY B 63 -9.23 8.11 -10.22
CA GLY B 63 -10.13 7.83 -11.33
C GLY B 63 -10.75 6.45 -11.24
N ALA B 64 -9.97 5.46 -10.80
CA ALA B 64 -10.55 4.13 -10.60
C ALA B 64 -11.50 4.10 -9.42
N GLY B 65 -11.21 4.89 -8.38
CA GLY B 65 -12.12 4.98 -7.26
C GLY B 65 -13.45 5.60 -7.63
N ALA B 66 -13.44 6.56 -8.55
CA ALA B 66 -14.70 7.13 -9.03
C ALA B 66 -15.50 6.11 -9.82
N LYS B 67 -14.81 5.25 -10.58
CA LYS B 67 -15.50 4.23 -11.36
C LYS B 67 -16.15 3.18 -10.47
N GLU B 68 -15.47 2.80 -9.38
CA GLU B 68 -16.05 1.85 -8.43
C GLU B 68 -17.29 2.41 -7.75
N ALA B 69 -17.36 3.73 -7.61
CA ALA B 69 -18.49 4.38 -6.97
C ALA B 69 -19.61 4.74 -7.93
N GLY B 70 -19.46 4.44 -9.21
CA GLY B 70 -20.47 4.77 -10.19
C GLY B 70 -20.48 6.22 -10.61
N LEU B 71 -19.38 6.93 -10.43
CA LEU B 71 -19.30 8.35 -10.78
C LEU B 71 -18.23 8.57 -11.85
N GLY B 72 -18.39 9.65 -12.60
CA GLY B 72 -17.48 9.97 -13.68
C GLY B 72 -16.32 10.83 -13.19
N LEU B 73 -15.12 10.49 -13.66
CA LEU B 73 -13.92 11.27 -13.43
C LEU B 73 -12.85 10.88 -14.44
N PRO B 74 -12.25 11.84 -15.13
CA PRO B 74 -11.15 11.53 -16.06
C PRO B 74 -9.96 10.96 -15.32
N PRO B 75 -8.94 10.48 -16.03
CA PRO B 75 -7.75 9.93 -15.36
C PRO B 75 -7.18 10.86 -14.30
N THR B 76 -7.00 10.34 -13.10
CA THR B 76 -6.53 11.11 -11.96
C THR B 76 -5.79 10.16 -11.03
N GLU B 77 -4.51 10.43 -10.77
CA GLU B 77 -3.72 9.52 -9.95
C GLU B 77 -2.78 10.29 -9.03
N LEU B 78 -2.72 9.85 -7.78
CA LEU B 78 -1.85 10.42 -6.77
C LEU B 78 -0.71 9.44 -6.49
N ILE B 79 0.50 9.97 -6.29
CA ILE B 79 1.64 9.15 -5.90
C ILE B 79 2.32 9.80 -4.70
N ILE B 80 2.78 8.97 -3.78
CA ILE B 80 3.38 9.43 -2.52
C ILE B 80 4.79 8.85 -2.44
N PHE B 81 5.76 9.73 -2.21
CA PHE B 81 7.17 9.35 -2.28
C PHE B 81 7.97 10.33 -1.44
N GLY B 82 9.18 9.92 -1.08
CA GLY B 82 10.04 10.82 -0.34
C GLY B 82 11.24 10.10 0.24
N ASN B 83 12.15 10.91 0.78
CA ASN B 83 13.35 10.42 1.43
C ASN B 83 13.18 10.52 2.93
N PRO B 84 13.10 9.39 3.66
CA PRO B 84 12.86 9.47 5.10
C PRO B 84 13.96 10.20 5.86
N GLN B 85 15.20 10.16 5.37
CA GLN B 85 16.28 10.93 6.00
C GLN B 85 15.94 12.42 6.02
N ASN B 86 15.45 12.94 4.90
CA ASN B 86 15.10 14.35 4.82
C ASN B 86 13.84 14.64 5.62
N GLY B 87 12.79 13.83 5.43
CA GLY B 87 11.53 14.07 6.11
C GLY B 87 11.66 14.01 7.63
N THR B 88 12.52 13.13 8.14
CA THR B 88 12.70 13.03 9.59
C THR B 88 13.21 14.34 10.17
N VAL B 89 14.13 15.00 9.48
CA VAL B 89 14.67 16.27 9.96
C VAL B 89 13.56 17.29 10.11
N LEU B 90 12.64 17.35 9.14
CA LEU B 90 11.52 18.28 9.23
C LEU B 90 10.61 17.96 10.41
N GLN B 92 11.46 16.28 13.17
CA GLN B 92 12.16 16.62 14.40
C GLN B 92 11.95 18.08 14.79
N ASP B 93 11.64 18.94 13.81
CA ASP B 93 11.38 20.34 14.07
C ASP B 93 9.93 20.56 14.49
N LYS B 94 8.99 20.23 13.60
CA LYS B 94 7.56 20.30 13.88
C LYS B 94 6.94 18.99 13.42
N ARG B 95 6.44 18.20 14.37
CA ARG B 95 5.98 16.85 14.04
C ARG B 95 4.75 16.87 13.14
N THR B 96 3.94 17.93 13.21
CA THR B 96 2.70 17.97 12.45
C THR B 96 2.93 17.94 10.94
N ILE B 97 4.14 18.27 10.48
CA ILE B 97 4.42 18.20 9.05
C ILE B 97 4.39 16.75 8.57
N GLY B 98 4.49 15.78 9.47
CA GLY B 98 4.29 14.39 9.10
C GLY B 98 2.91 14.11 8.55
N LEU B 99 1.94 14.99 8.82
CA LEU B 99 0.62 14.84 8.22
C LEU B 99 0.67 15.08 6.71
N ASP B 100 1.53 15.98 6.26
CA ASP B 100 1.63 16.35 4.85
C ASP B 100 2.80 15.67 4.15
N LEU B 101 3.57 14.85 4.86
CA LEU B 101 4.63 14.03 4.30
C LEU B 101 4.19 12.56 4.24
N PRO B 102 4.73 11.76 3.31
CA PRO B 102 5.75 12.06 2.29
C PRO B 102 5.24 12.94 1.16
N ILE B 103 6.14 13.32 0.25
CA ILE B 103 5.78 14.19 -0.86
C ILE B 103 4.65 13.56 -1.67
N ARG B 104 3.66 14.38 -2.01
CA ARG B 104 2.54 13.95 -2.81
C ARG B 104 2.55 14.65 -4.16
N ALA B 105 2.15 13.92 -5.21
CA ALA B 105 2.07 14.47 -6.55
C ALA B 105 0.82 13.94 -7.24
N LEU B 106 0.12 14.82 -7.95
CA LEU B 106 -1.16 14.49 -8.56
C LEU B 106 -1.06 14.71 -10.06
N ALA B 107 -1.20 13.62 -10.82
CA ALA B 107 -1.30 13.69 -12.27
C ALA B 107 -2.77 13.53 -12.65
N TRP B 108 -3.26 14.42 -13.51
CA TRP B 108 -4.68 14.42 -13.82
C TRP B 108 -4.91 15.01 -15.21
N GLU B 109 -5.92 14.47 -15.89
CA GLU B 109 -6.27 14.86 -17.25
C GLU B 109 -7.54 15.68 -17.22
N ASP B 110 -7.53 16.83 -17.90
CA ASP B 110 -8.71 17.68 -17.92
C ASP B 110 -9.63 17.28 -19.07
N GLY B 111 -10.76 17.99 -19.21
CA GLY B 111 -11.75 17.65 -20.20
C GLY B 111 -11.26 17.77 -21.64
N SER B 112 -10.21 18.55 -21.88
CA SER B 112 -9.66 18.72 -23.22
C SER B 112 -8.63 17.66 -23.57
N GLY B 113 -8.29 16.77 -22.65
CA GLY B 113 -7.25 15.79 -22.87
C GLY B 113 -5.89 16.20 -22.37
N LYS B 114 -5.73 17.44 -21.89
CA LYS B 114 -4.46 17.91 -21.37
C LYS B 114 -4.18 17.29 -20.00
N VAL B 115 -2.93 16.87 -19.80
CA VAL B 115 -2.50 16.25 -18.55
C VAL B 115 -1.71 17.26 -17.74
N TRP B 116 -1.99 17.30 -16.44
CA TRP B 116 -1.35 18.23 -15.52
C TRP B 116 -0.69 17.45 -14.39
N LEU B 117 0.36 18.05 -13.81
CA LEU B 117 1.04 17.50 -12.66
C LEU B 117 1.07 18.56 -11.56
N THR B 118 0.50 18.22 -10.41
CA THR B 118 0.28 19.18 -9.33
C THR B 118 1.01 18.70 -8.08
N VAL B 119 1.79 19.59 -7.46
CA VAL B 119 2.54 19.29 -6.25
C VAL B 119 2.45 20.46 -5.29
N ASN B 120 2.81 20.19 -4.03
CA ASN B 120 2.89 21.22 -3.02
C ASN B 120 4.21 21.98 -3.14
N ASP B 121 4.15 23.28 -2.96
CA ASP B 121 5.37 24.08 -2.81
C ASP B 121 5.95 23.81 -1.44
N PRO B 122 7.14 23.21 -1.34
CA PRO B 122 7.68 22.90 -0.01
C PRO B 122 7.88 24.10 0.88
N ALA B 123 8.20 25.28 0.32
CA ALA B 123 8.28 26.48 1.14
C ALA B 123 6.94 26.81 1.77
N TRP B 124 5.86 26.63 1.00
CA TRP B 124 4.52 26.82 1.54
C TRP B 124 4.23 25.83 2.66
N LEU B 125 4.61 24.56 2.47
CA LEU B 125 4.48 23.57 3.53
C LEU B 125 5.30 23.95 4.75
N ALA B 126 6.47 24.57 4.55
CA ALA B 126 7.27 25.02 5.68
C ALA B 126 6.54 26.09 6.48
N GLN B 127 5.86 27.01 5.77
CA GLN B 127 5.09 28.04 6.47
C GLN B 127 3.89 27.44 7.21
N ARG B 128 3.19 26.49 6.58
CA ARG B 128 1.97 25.96 7.19
C ARG B 128 2.26 25.37 8.56
N HIS B 129 3.43 24.75 8.73
CA HIS B 129 3.81 24.12 9.99
C HIS B 129 4.80 24.94 10.80
N SER B 130 5.12 26.15 10.35
CA SER B 130 5.98 27.09 11.09
C SER B 130 7.35 26.48 11.38
N LEU B 131 7.98 25.93 10.35
CA LEU B 131 9.30 25.35 10.48
C LEU B 131 10.34 26.44 10.79
N GLY B 132 11.40 26.04 11.48
CA GLY B 132 12.44 26.94 11.89
C GLY B 132 13.73 26.76 11.11
N LEU B 133 14.79 27.41 11.61
CA LEU B 133 16.07 27.40 10.93
C LEU B 133 16.68 26.01 10.88
N SER B 134 16.41 25.18 11.89
CA SER B 134 16.97 23.83 11.92
C SER B 134 16.48 22.97 10.76
N SER B 135 15.45 23.39 10.03
CA SER B 135 14.94 22.65 8.90
C SER B 135 15.38 23.21 7.56
N ASP B 136 16.25 24.23 7.55
CA ASP B 136 16.54 24.95 6.31
C ASP B 136 17.16 24.03 5.25
N VAL B 137 18.13 23.21 5.65
CA VAL B 137 18.77 22.33 4.66
C VAL B 137 17.78 21.30 4.15
N ALA B 138 16.91 20.80 5.02
CA ALA B 138 15.95 19.79 4.60
C ALA B 138 14.86 20.37 3.70
N ILE B 139 14.47 21.63 3.95
CA ILE B 139 13.50 22.28 3.07
C ILE B 139 14.09 22.50 1.68
N LYS B 140 15.32 22.98 1.62
CA LYS B 140 16.00 23.13 0.33
C LYS B 140 16.11 21.80 -0.40
N ALA B 141 16.44 20.73 0.33
CA ALA B 141 16.53 19.41 -0.29
C ALA B 141 15.16 18.97 -0.82
N VAL B 143 12.74 21.05 -1.74
CA VAL B 143 12.51 21.92 -2.90
C VAL B 143 13.26 21.36 -4.11
N THR B 144 14.51 20.94 -3.91
CA THR B 144 15.28 20.37 -5.02
C THR B 144 14.71 19.04 -5.48
N GLY B 145 14.26 18.21 -4.55
CA GLY B 145 13.71 16.91 -4.94
C GLY B 145 12.38 17.05 -5.65
N THR B 146 11.48 17.88 -5.12
CA THR B 146 10.20 18.12 -5.79
C THR B 146 10.42 18.73 -7.17
N GLY B 147 11.35 19.69 -7.29
CA GLY B 147 11.58 20.33 -8.56
C GLY B 147 12.18 19.38 -9.60
N THR B 148 13.13 18.56 -9.19
CA THR B 148 13.77 17.64 -10.13
C THR B 148 12.80 16.57 -10.61
N VAL B 149 12.02 15.99 -9.68
CA VAL B 149 11.08 14.94 -10.06
C VAL B 149 10.00 15.49 -10.97
N THR B 150 9.50 16.69 -10.68
CA THR B 150 8.40 17.26 -11.46
C THR B 150 8.84 17.60 -12.88
N LYS B 151 10.02 18.22 -13.03
CA LYS B 151 10.47 18.60 -14.37
C LYS B 151 10.77 17.36 -15.22
N TYR B 152 11.32 16.31 -14.61
CA TYR B 152 11.59 15.09 -15.36
C TYR B 152 10.29 14.42 -15.79
N ALA B 153 9.35 14.27 -14.85
CA ALA B 153 8.11 13.56 -15.16
C ALA B 153 7.26 14.34 -16.15
N ALA B 154 7.13 15.65 -15.97
CA ALA B 154 6.31 16.45 -16.88
C ALA B 154 7.03 16.75 -18.18
N GLY B 155 8.36 16.79 -18.17
CA GLY B 155 9.11 17.06 -19.38
C GLY B 155 9.44 15.81 -20.16
N ASP B 156 9.81 16.01 -21.43
CA ASP B 156 10.14 14.89 -22.30
C ASP B 156 11.64 14.60 -22.28
N ILE C 25 -4.27 32.66 6.43
CA ILE C 25 -4.27 33.03 7.84
C ILE C 25 -4.07 31.80 8.72
N ASP C 26 -5.11 30.98 8.80
CA ASP C 26 -5.10 29.81 9.66
C ASP C 26 -4.21 28.71 9.06
N SER C 27 -3.95 27.68 9.87
CA SER C 27 -3.15 26.54 9.42
C SER C 27 -4.01 25.40 8.93
N GLY C 28 -5.25 25.30 9.41
CA GLY C 28 -6.11 24.19 9.06
C GLY C 28 -5.78 22.89 9.76
N LEU C 29 -4.97 22.94 10.82
CA LEU C 29 -4.56 21.75 11.54
C LEU C 29 -5.36 21.64 12.84
N VAL C 30 -5.97 20.48 13.06
CA VAL C 30 -6.72 20.19 14.28
C VAL C 30 -6.00 19.07 15.01
N THR C 31 -5.55 19.35 16.23
CA THR C 31 -4.80 18.38 17.03
C THR C 31 -5.51 18.16 18.36
N VAL C 32 -5.86 16.91 18.64
CA VAL C 32 -6.46 16.52 19.91
C VAL C 32 -5.56 15.49 20.58
N GLU C 33 -5.60 15.47 21.91
CA GLU C 33 -4.85 14.47 22.66
C GLU C 33 -5.59 13.14 22.62
N SER C 34 -4.82 12.06 22.58
CA SER C 34 -5.36 10.71 22.54
C SER C 34 -5.09 9.98 23.85
N ARG C 35 -6.02 9.11 24.23
CA ARG C 35 -5.86 8.27 25.41
C ARG C 35 -5.15 6.96 25.10
N HIS C 36 -4.68 6.77 23.87
CA HIS C 36 -4.08 5.52 23.44
C HIS C 36 -2.72 5.78 22.83
N SER C 37 -1.93 4.71 22.71
CA SER C 37 -0.63 4.80 22.07
C SER C 37 -0.79 5.18 20.61
N VAL C 38 0.35 5.46 19.96
CA VAL C 38 0.33 5.79 18.54
C VAL C 38 -0.27 4.65 17.74
N ALA C 39 0.22 3.43 17.96
CA ALA C 39 -0.26 2.28 17.20
C ALA C 39 -1.76 2.07 17.43
N GLU C 40 -2.20 2.13 18.68
CA GLU C 40 -3.61 1.89 18.98
C GLU C 40 -4.49 3.00 18.42
N THR C 41 -4.03 4.25 18.49
CA THR C 41 -4.80 5.36 17.93
C THR C 41 -5.02 5.17 16.44
N ILE C 42 -3.98 4.72 15.72
CA ILE C 42 -4.09 4.52 14.28
C ILE C 42 -5.05 3.37 13.98
N GLU C 43 -4.95 2.27 14.74
CA GLU C 43 -5.84 1.14 14.51
C GLU C 43 -7.29 1.50 14.80
N ARG C 44 -7.52 2.39 15.77
CA ARG C 44 -8.87 2.85 16.04
C ARG C 44 -9.40 3.75 14.92
N VAL C 45 -8.51 4.53 14.30
CA VAL C 45 -8.90 5.29 13.11
C VAL C 45 -9.35 4.33 12.01
N ALA C 46 -8.53 3.31 11.73
CA ALA C 46 -8.85 2.36 10.68
C ALA C 46 -10.16 1.63 10.98
N ALA C 47 -10.35 1.21 12.23
CA ALA C 47 -11.55 0.45 12.59
C ALA C 47 -12.81 1.30 12.43
N LYS C 48 -12.79 2.53 12.94
CA LYS C 48 -13.96 3.38 12.82
C LYS C 48 -14.24 3.74 11.36
N ALA C 49 -13.20 4.09 10.61
CA ALA C 49 -13.37 4.45 9.21
C ALA C 49 -13.98 3.31 8.42
N LYS C 50 -13.44 2.09 8.57
CA LYS C 50 -13.95 0.96 7.80
C LYS C 50 -15.37 0.60 8.21
N SER C 51 -15.73 0.80 9.48
CA SER C 51 -17.10 0.52 9.90
C SER C 51 -18.10 1.47 9.26
N GLY C 53 -17.83 2.48 6.16
CA GLY C 53 -17.76 2.26 4.73
C GLY C 53 -16.62 2.97 4.02
N ASN C 55 -12.60 3.37 2.87
CA ASN C 55 -11.47 2.52 2.59
C ASN C 55 -10.24 3.04 3.32
N VAL C 56 -9.35 2.13 3.72
CA VAL C 56 -8.04 2.48 4.22
C VAL C 56 -7.04 2.24 3.11
N PHE C 57 -6.35 3.29 2.69
CA PHE C 57 -5.47 3.20 1.53
C PHE C 57 -4.05 2.80 1.89
N THR C 58 -3.50 3.37 2.96
CA THR C 58 -2.16 2.98 3.38
C THR C 58 -1.89 3.55 4.77
N ARG C 59 -0.82 3.06 5.38
CA ARG C 59 -0.24 3.61 6.59
C ARG C 59 1.24 3.87 6.33
N VAL C 60 1.76 4.97 6.87
CA VAL C 60 3.17 5.34 6.71
C VAL C 60 3.76 5.48 8.10
N ASP C 61 4.70 4.60 8.44
CA ASP C 61 5.39 4.64 9.72
C ASP C 61 6.55 5.63 9.60
N HIS C 62 6.30 6.88 9.98
CA HIS C 62 7.36 7.88 9.98
C HIS C 62 8.44 7.54 10.99
N GLY C 63 8.07 6.93 12.12
CA GLY C 63 9.06 6.57 13.12
C GLY C 63 10.01 5.49 12.63
N ALA C 64 9.50 4.49 11.91
CA ALA C 64 10.35 3.45 11.37
C ALA C 64 11.29 4.00 10.29
N GLY C 65 10.79 4.92 9.46
CA GLY C 65 11.64 5.54 8.47
C GLY C 65 12.76 6.35 9.10
N ALA C 66 12.54 6.87 10.30
CA ALA C 66 13.59 7.59 11.02
C ALA C 66 14.67 6.63 11.49
N LYS C 67 14.27 5.51 12.11
CA LYS C 67 15.24 4.54 12.59
C LYS C 67 16.04 3.96 11.43
N GLU C 68 15.38 3.73 10.28
CA GLU C 68 16.11 3.26 9.11
C GLU C 68 17.06 4.33 8.59
N ALA C 69 16.73 5.60 8.80
CA ALA C 69 17.64 6.69 8.45
C ALA C 69 18.73 6.89 9.49
N GLY C 70 18.67 6.19 10.62
CA GLY C 70 19.64 6.40 11.68
C GLY C 70 19.41 7.66 12.47
N LEU C 71 18.18 8.16 12.50
CA LEU C 71 17.83 9.38 13.21
C LEU C 71 16.81 9.07 14.30
N GLY C 72 16.80 9.92 15.32
CA GLY C 72 15.87 9.76 16.44
C GLY C 72 14.57 10.49 16.23
N LEU C 73 13.45 9.77 16.31
CA LEU C 73 12.12 10.34 16.21
C LEU C 73 11.20 9.44 17.02
N PRO C 74 10.38 10.00 17.91
CA PRO C 74 9.44 9.18 18.68
C PRO C 74 8.39 8.57 17.76
N PRO C 75 7.58 7.63 18.27
CA PRO C 75 6.54 7.01 17.43
C PRO C 75 5.70 8.04 16.71
N THR C 76 5.52 7.83 15.40
CA THR C 76 4.83 8.77 14.53
C THR C 76 4.30 7.98 13.34
N GLU C 77 2.98 7.96 13.16
CA GLU C 77 2.38 7.18 12.09
C GLU C 77 1.28 7.97 11.40
N LEU C 78 1.26 7.88 10.07
CA LEU C 78 0.24 8.50 9.24
C LEU C 78 -0.65 7.42 8.63
N ILE C 79 -1.94 7.70 8.53
CA ILE C 79 -2.90 6.79 7.89
C ILE C 79 -3.71 7.58 6.88
N ILE C 80 -4.05 6.93 5.77
CA ILE C 80 -4.75 7.57 4.66
C ILE C 80 -6.00 6.75 4.36
N PHE C 81 -7.15 7.42 4.41
CA PHE C 81 -8.44 6.74 4.36
C PHE C 81 -9.47 7.71 3.80
N GLY C 82 -10.61 7.18 3.38
CA GLY C 82 -11.68 8.05 2.95
C GLY C 82 -12.75 7.32 2.17
N ASN C 83 -13.81 8.09 1.87
CA ASN C 83 -14.96 7.67 1.08
C ASN C 83 -14.74 8.13 -0.36
N PRO C 84 -14.40 7.23 -1.28
CA PRO C 84 -14.13 7.67 -2.66
C PRO C 84 -15.34 8.23 -3.38
N GLN C 85 -16.56 7.90 -2.94
CA GLN C 85 -17.74 8.51 -3.52
C GLN C 85 -17.83 9.99 -3.15
N ASN C 86 -17.56 10.32 -1.88
CA ASN C 86 -17.55 11.72 -1.47
C ASN C 86 -16.32 12.45 -1.96
N GLY C 87 -15.19 11.74 -2.08
CA GLY C 87 -14.00 12.37 -2.64
C GLY C 87 -14.17 12.68 -4.12
N THR C 88 -14.84 11.80 -4.86
CA THR C 88 -15.06 12.05 -6.28
C THR C 88 -15.87 13.32 -6.51
N VAL C 89 -16.90 13.54 -5.70
CA VAL C 89 -17.73 14.74 -5.84
C VAL C 89 -16.86 15.99 -5.69
N LEU C 90 -15.99 16.00 -4.67
CA LEU C 90 -15.11 17.14 -4.48
C LEU C 90 -14.18 17.33 -5.66
N GLN C 92 -14.69 16.41 -8.69
CA GLN C 92 -15.46 16.90 -9.83
C GLN C 92 -15.58 18.42 -9.81
N ASP C 93 -15.50 19.04 -8.63
CA ASP C 93 -15.53 20.50 -8.53
C ASP C 93 -14.17 21.09 -8.89
N LYS C 94 -13.16 20.80 -8.08
CA LYS C 94 -11.77 21.20 -8.37
C LYS C 94 -10.91 19.95 -8.24
N ARG C 95 -10.28 19.56 -9.35
CA ARG C 95 -9.53 18.31 -9.35
C ARG C 95 -8.30 18.36 -8.44
N THR C 96 -7.72 19.54 -8.23
CA THR C 96 -6.48 19.64 -7.47
C THR C 96 -6.65 19.18 -6.03
N ILE C 97 -7.87 19.17 -5.49
CA ILE C 97 -8.06 18.67 -4.14
C ILE C 97 -7.72 17.18 -4.05
N GLY C 98 -7.64 16.49 -5.20
CA GLY C 98 -7.14 15.13 -5.21
C GLY C 98 -5.71 15.00 -4.72
N LEU C 99 -4.94 16.10 -4.73
CA LEU C 99 -3.62 16.08 -4.13
C LEU C 99 -3.68 15.90 -2.62
N ASP C 100 -4.72 16.44 -1.99
CA ASP C 100 -4.87 16.41 -0.55
C ASP C 100 -5.86 15.35 -0.06
N LEU C 101 -6.47 14.60 -0.99
CA LEU C 101 -7.30 13.44 -0.69
C LEU C 101 -6.55 12.16 -1.02
N PRO C 102 -6.87 11.02 -0.36
CA PRO C 102 -7.89 10.81 0.68
C PRO C 102 -7.54 11.46 2.02
N ILE C 103 -8.44 11.34 3.00
CA ILE C 103 -8.23 11.97 4.29
C ILE C 103 -6.97 11.42 4.95
N ARG C 104 -6.24 12.30 5.63
CA ARG C 104 -5.00 11.93 6.30
C ARG C 104 -5.11 12.23 7.79
N ALA C 105 -4.48 11.38 8.60
CA ALA C 105 -4.46 11.55 10.04
C ALA C 105 -3.10 11.11 10.57
N LEU C 106 -2.56 11.89 11.49
CA LEU C 106 -1.22 11.67 12.04
C LEU C 106 -1.31 11.47 13.54
N ALA C 107 -0.93 10.28 14.01
CA ALA C 107 -0.77 10.01 15.43
C ALA C 107 0.71 10.08 15.77
N TRP C 108 1.04 10.80 16.85
CA TRP C 108 2.44 10.99 17.21
C TRP C 108 2.57 11.17 18.71
N GLU C 109 3.72 10.73 19.24
CA GLU C 109 4.03 10.79 20.66
C GLU C 109 5.12 11.83 20.90
N ASP C 110 4.93 12.67 21.90
CA ASP C 110 5.89 13.73 22.18
C ASP C 110 6.94 13.23 23.17
N GLY C 111 7.83 14.11 23.62
CA GLY C 111 8.93 13.70 24.46
C GLY C 111 8.53 13.32 25.87
N SER C 112 7.34 13.72 26.31
CA SER C 112 6.84 13.38 27.63
C SER C 112 6.00 12.12 27.64
N GLY C 113 5.76 11.51 26.48
CA GLY C 113 4.96 10.31 26.39
C GLY C 113 3.51 10.53 26.00
N LYS C 114 3.08 11.78 25.85
CA LYS C 114 1.71 12.06 25.44
C LYS C 114 1.54 11.82 23.94
N VAL C 115 0.38 11.33 23.55
CA VAL C 115 0.07 10.99 22.16
C VAL C 115 -0.95 11.98 21.63
N TRP C 116 -0.73 12.45 20.40
CA TRP C 116 -1.59 13.43 19.77
C TRP C 116 -2.10 12.90 18.43
N LEU C 117 -3.28 13.36 18.03
CA LEU C 117 -3.88 13.01 16.75
C LEU C 117 -4.18 14.29 15.99
N THR C 118 -3.59 14.42 14.80
CA THR C 118 -3.66 15.65 14.00
C THR C 118 -4.31 15.35 12.66
N VAL C 119 -5.27 16.19 12.26
CA VAL C 119 -5.99 16.04 11.00
C VAL C 119 -6.13 17.41 10.34
N ASN C 120 -6.53 17.39 9.08
CA ASN C 120 -6.84 18.62 8.34
C ASN C 120 -8.28 19.04 8.62
N ASP C 121 -8.49 20.36 8.69
CA ASP C 121 -9.82 20.94 8.72
C ASP C 121 -10.40 20.90 7.31
N PRO C 122 -11.44 20.10 7.06
CA PRO C 122 -11.96 19.97 5.69
C PRO C 122 -12.41 21.30 5.08
N ALA C 123 -12.95 22.21 5.89
CA ALA C 123 -13.33 23.51 5.35
C ALA C 123 -12.11 24.31 4.91
N TRP C 124 -10.99 24.15 5.62
CA TRP C 124 -9.75 24.82 5.22
C TRP C 124 -9.21 24.25 3.91
N LEU C 125 -9.39 22.95 3.67
CA LEU C 125 -9.00 22.38 2.39
C LEU C 125 -9.88 22.88 1.26
N ALA C 126 -11.19 23.03 1.53
CA ALA C 126 -12.09 23.58 0.52
C ALA C 126 -11.69 25.00 0.15
N GLN C 127 -11.24 25.79 1.12
CA GLN C 127 -10.74 27.12 0.82
C GLN C 127 -9.48 27.05 -0.04
N ARG C 128 -8.58 26.12 0.28
CA ARG C 128 -7.29 26.07 -0.41
C ARG C 128 -7.46 25.81 -1.91
N HIS C 129 -8.40 24.93 -2.27
CA HIS C 129 -8.62 24.56 -3.65
C HIS C 129 -9.77 25.32 -4.29
N SER C 130 -10.31 26.32 -3.58
CA SER C 130 -11.36 27.20 -4.10
C SER C 130 -12.60 26.41 -4.53
N LEU C 131 -13.02 25.47 -3.68
CA LEU C 131 -14.23 24.71 -3.96
C LEU C 131 -15.44 25.63 -3.97
N GLY C 132 -16.40 25.31 -4.82
CA GLY C 132 -17.60 26.11 -4.97
C GLY C 132 -18.73 25.64 -4.05
N LEU C 133 -19.89 26.28 -4.23
CA LEU C 133 -21.04 26.01 -3.39
C LEU C 133 -21.63 24.63 -3.66
N SER C 134 -21.36 24.04 -4.83
CA SER C 134 -21.87 22.71 -5.14
C SER C 134 -21.21 21.62 -4.31
N SER C 135 -20.04 21.89 -3.73
CA SER C 135 -19.33 20.92 -2.91
C SER C 135 -19.71 21.00 -1.44
N ASP C 136 -20.62 21.90 -1.06
CA ASP C 136 -20.86 22.19 0.35
C ASP C 136 -21.35 20.96 1.10
N VAL C 137 -22.25 20.19 0.49
CA VAL C 137 -22.72 18.96 1.14
C VAL C 137 -21.58 17.97 1.28
N ALA C 138 -20.80 17.79 0.21
CA ALA C 138 -19.67 16.87 0.26
C ALA C 138 -18.61 17.34 1.26
N ILE C 139 -18.42 18.65 1.40
CA ILE C 139 -17.51 19.17 2.42
C ILE C 139 -18.04 18.84 3.82
N LYS C 140 -19.35 19.00 4.03
CA LYS C 140 -19.93 18.68 5.33
C LYS C 140 -19.78 17.21 5.65
N ALA C 141 -19.92 16.34 4.65
CA ALA C 141 -19.73 14.91 4.88
C ALA C 141 -18.29 14.61 5.31
N VAL C 143 -16.34 16.71 6.87
CA VAL C 143 -16.25 17.20 8.24
C VAL C 143 -16.81 16.16 9.21
N THR C 144 -17.98 15.61 8.90
CA THR C 144 -18.57 14.58 9.76
C THR C 144 -17.71 13.33 9.81
N GLY C 145 -17.20 12.90 8.66
CA GLY C 145 -16.33 11.72 8.65
C GLY C 145 -15.06 11.93 9.44
N THR C 146 -14.43 13.10 9.29
CA THR C 146 -13.19 13.38 10.02
C THR C 146 -13.45 13.44 11.52
N GLY C 147 -14.46 14.21 11.94
CA GLY C 147 -14.73 14.36 13.35
C GLY C 147 -15.12 13.06 14.02
N THR C 148 -16.01 12.30 13.38
CA THR C 148 -16.45 11.02 13.97
C THR C 148 -15.29 10.06 14.16
N VAL C 149 -14.40 9.96 13.18
CA VAL C 149 -13.26 9.06 13.28
C VAL C 149 -12.30 9.52 14.38
N THR C 150 -12.05 10.82 14.46
CA THR C 150 -11.06 11.32 15.41
C THR C 150 -11.56 11.21 16.85
N LYS C 151 -12.84 11.51 17.10
CA LYS C 151 -13.37 11.38 18.45
C LYS C 151 -13.24 9.96 18.96
N TYR C 152 -13.58 8.97 18.13
CA TYR C 152 -13.48 7.57 18.55
C TYR C 152 -12.02 7.17 18.78
N ALA C 153 -11.11 7.60 17.89
CA ALA C 153 -9.74 7.14 17.96
C ALA C 153 -9.02 7.69 19.20
N ALA C 154 -9.21 8.97 19.50
CA ALA C 154 -8.54 9.59 20.62
C ALA C 154 -9.29 9.45 21.94
N GLY C 155 -10.60 9.24 21.90
CA GLY C 155 -11.40 9.14 23.11
C GLY C 155 -11.43 7.76 23.73
N ILE D 24 -3.97 -28.06 11.59
CA ILE D 24 -4.51 -28.43 10.28
C ILE D 24 -3.51 -28.08 9.19
N ILE D 25 -2.79 -29.08 8.68
CA ILE D 25 -1.74 -28.89 7.71
C ILE D 25 -2.07 -29.67 6.44
N ASP D 26 -1.91 -29.02 5.28
CA ASP D 26 -2.03 -29.67 3.99
C ASP D 26 -1.46 -28.77 2.90
N SER D 27 -0.51 -29.32 2.12
CA SER D 27 0.11 -28.60 1.00
C SER D 27 0.74 -27.28 1.46
N GLY D 28 1.48 -27.33 2.56
CA GLY D 28 2.14 -26.14 3.06
C GLY D 28 1.24 -25.11 3.70
N LEU D 29 -0.05 -25.42 3.86
CA LEU D 29 -1.00 -24.54 4.52
C LEU D 29 -1.14 -24.96 5.98
N VAL D 30 -1.02 -24.01 6.89
CA VAL D 30 -1.19 -24.24 8.32
C VAL D 30 -2.34 -23.37 8.81
N THR D 31 -3.39 -24.01 9.32
CA THR D 31 -4.59 -23.32 9.79
C THR D 31 -4.82 -23.64 11.26
N VAL D 32 -5.00 -22.60 12.07
CA VAL D 32 -5.36 -22.74 13.48
C VAL D 32 -6.62 -21.93 13.72
N GLU D 33 -7.39 -22.34 14.73
CA GLU D 33 -8.56 -21.56 15.13
C GLU D 33 -8.14 -20.36 15.98
N SER D 34 -8.79 -19.23 15.75
CA SER D 34 -8.53 -18.02 16.50
C SER D 34 -9.63 -17.79 17.52
N ARG D 35 -9.23 -17.23 18.67
CA ARG D 35 -10.17 -16.86 19.72
C ARG D 35 -10.67 -15.43 19.58
N HIS D 36 -10.34 -14.77 18.47
CA HIS D 36 -10.70 -13.37 18.25
C HIS D 36 -11.40 -13.24 16.91
N SER D 37 -12.01 -12.07 16.70
CA SER D 37 -12.61 -11.76 15.41
C SER D 37 -11.55 -11.72 14.32
N VAL D 38 -11.99 -11.62 13.07
CA VAL D 38 -11.06 -11.50 11.96
C VAL D 38 -10.27 -10.20 12.08
N ALA D 39 -10.95 -9.09 12.41
CA ALA D 39 -10.28 -7.80 12.53
C ALA D 39 -9.25 -7.84 13.64
N GLU D 40 -9.64 -8.31 14.83
CA GLU D 40 -8.71 -8.33 15.96
C GLU D 40 -7.56 -9.29 15.71
N THR D 41 -7.82 -10.40 15.04
CA THR D 41 -6.74 -11.34 14.73
C THR D 41 -5.70 -10.69 13.83
N ILE D 42 -6.14 -9.92 12.84
CA ILE D 42 -5.21 -9.22 11.95
C ILE D 42 -4.47 -8.13 12.72
N GLU D 43 -5.17 -7.44 13.63
CA GLU D 43 -4.50 -6.44 14.46
C GLU D 43 -3.43 -7.08 15.33
N ARG D 44 -3.70 -8.30 15.84
CA ARG D 44 -2.72 -8.98 16.67
C ARG D 44 -1.53 -9.48 15.86
N VAL D 45 -1.76 -9.87 14.60
CA VAL D 45 -0.65 -10.20 13.71
C VAL D 45 0.25 -8.98 13.53
N ALA D 46 -0.35 -7.84 13.17
CA ALA D 46 0.43 -6.63 12.95
C ALA D 46 1.19 -6.21 14.20
N ALA D 47 0.53 -6.25 15.36
CA ALA D 47 1.17 -5.79 16.59
C ALA D 47 2.34 -6.68 16.97
N LYS D 48 2.15 -8.00 16.93
CA LYS D 48 3.23 -8.92 17.29
C LYS D 48 4.38 -8.84 16.30
N ALA D 49 4.06 -8.71 15.00
CA ALA D 49 5.12 -8.60 14.00
C ALA D 49 5.93 -7.32 14.20
N LYS D 50 5.26 -6.19 14.43
CA LYS D 50 5.96 -4.93 14.62
C LYS D 50 6.81 -4.95 15.89
N SER D 51 6.33 -5.61 16.94
CA SER D 51 7.10 -5.71 18.17
C SER D 51 8.38 -6.51 17.98
N GLY D 53 10.26 -6.23 15.33
CA GLY D 53 11.02 -5.50 14.34
C GLY D 53 10.64 -5.75 12.90
N ASN D 55 8.20 -5.41 9.51
CA ASN D 55 7.37 -4.38 8.92
C ASN D 55 6.09 -4.98 8.39
N VAL D 56 5.03 -4.18 8.40
CA VAL D 56 3.76 -4.57 7.78
C VAL D 56 3.67 -3.86 6.44
N PHE D 57 3.53 -4.64 5.37
CA PHE D 57 3.57 -4.09 4.02
C PHE D 57 2.19 -3.65 3.54
N THR D 58 1.19 -4.52 3.66
CA THR D 58 -0.16 -4.14 3.25
C THR D 58 -1.18 -5.07 3.89
N ARG D 59 -2.45 -4.65 3.79
CA ARG D 59 -3.58 -5.47 4.18
C ARG D 59 -4.57 -5.47 3.03
N VAL D 60 -5.14 -6.64 2.74
CA VAL D 60 -6.11 -6.80 1.68
C VAL D 60 -7.40 -7.31 2.32
N ASP D 61 -8.44 -6.49 2.28
CA ASP D 61 -9.75 -6.88 2.81
C ASP D 61 -10.50 -7.58 1.68
N HIS D 62 -10.39 -8.92 1.66
CA HIS D 62 -11.13 -9.70 0.67
C HIS D 62 -12.62 -9.55 0.86
N GLY D 63 -13.07 -9.45 2.11
CA GLY D 63 -14.49 -9.27 2.37
C GLY D 63 -15.04 -8.00 1.74
N ALA D 64 -14.31 -6.89 1.91
CA ALA D 64 -14.75 -5.63 1.31
C ALA D 64 -14.75 -5.69 -0.20
N GLY D 65 -13.76 -6.37 -0.79
CA GLY D 65 -13.75 -6.54 -2.23
C GLY D 65 -14.95 -7.31 -2.75
N ALA D 66 -15.40 -8.30 -1.98
CA ALA D 66 -16.60 -9.05 -2.37
C ALA D 66 -17.83 -8.15 -2.35
N LYS D 67 -17.94 -7.26 -1.38
CA LYS D 67 -19.09 -6.36 -1.32
C LYS D 67 -19.10 -5.38 -2.48
N GLU D 68 -17.92 -4.86 -2.83
CA GLU D 68 -17.85 -3.93 -3.97
C GLU D 68 -18.21 -4.62 -5.28
N ALA D 69 -18.04 -5.94 -5.34
CA ALA D 69 -18.43 -6.72 -6.51
C ALA D 69 -19.89 -7.15 -6.47
N GLY D 70 -20.59 -6.90 -5.36
CA GLY D 70 -21.96 -7.36 -5.22
C GLY D 70 -22.10 -8.82 -4.86
N LEU D 71 -21.08 -9.40 -4.23
CA LEU D 71 -21.08 -10.82 -3.87
C LEU D 71 -20.97 -10.98 -2.37
N GLY D 72 -21.50 -12.10 -1.87
CA GLY D 72 -21.44 -12.41 -0.45
C GLY D 72 -20.14 -13.12 -0.10
N LEU D 73 -19.60 -12.77 1.07
CA LEU D 73 -18.42 -13.41 1.63
C LEU D 73 -18.27 -12.97 3.08
N PRO D 74 -18.11 -13.91 4.01
CA PRO D 74 -17.89 -13.53 5.41
C PRO D 74 -16.60 -12.76 5.56
N PRO D 75 -16.35 -12.14 6.72
CA PRO D 75 -15.10 -11.40 6.92
C PRO D 75 -13.88 -12.23 6.58
N THR D 76 -13.02 -11.67 5.73
CA THR D 76 -11.85 -12.36 5.20
C THR D 76 -10.78 -11.31 4.91
N GLU D 77 -9.64 -11.40 5.59
CA GLU D 77 -8.62 -10.36 5.47
C GLU D 77 -7.23 -10.97 5.39
N LEU D 78 -6.44 -10.47 4.46
CA LEU D 78 -5.04 -10.87 4.30
C LEU D 78 -4.14 -9.78 4.83
N ILE D 79 -3.02 -10.17 5.43
CA ILE D 79 -2.01 -9.23 5.89
C ILE D 79 -0.64 -9.71 5.44
N ILE D 80 0.21 -8.78 5.04
CA ILE D 80 1.52 -9.07 4.47
C ILE D 80 2.57 -8.36 5.31
N PHE D 81 3.53 -9.13 5.82
CA PHE D 81 4.49 -8.62 6.79
C PHE D 81 5.77 -9.43 6.68
N GLY D 82 6.84 -8.95 7.31
CA GLY D 82 8.08 -9.70 7.32
C GLY D 82 9.27 -8.81 7.59
N ASN D 83 10.42 -9.48 7.74
CA ASN D 83 11.67 -8.82 8.02
C ASN D 83 12.53 -8.79 6.76
N PRO D 84 12.82 -7.62 6.19
CA PRO D 84 13.57 -7.57 4.92
C PRO D 84 14.96 -8.17 5.00
N GLN D 85 15.63 -8.08 6.15
CA GLN D 85 16.95 -8.68 6.27
C GLN D 85 16.88 -10.19 6.07
N ASN D 86 15.88 -10.84 6.66
CA ASN D 86 15.74 -12.28 6.49
C ASN D 86 15.31 -12.62 5.06
N GLY D 87 14.32 -11.89 4.54
CA GLY D 87 13.79 -12.21 3.22
C GLY D 87 14.82 -12.02 2.11
N THR D 88 15.66 -10.99 2.23
CA THR D 88 16.70 -10.75 1.23
C THR D 88 17.65 -11.95 1.14
N VAL D 89 18.02 -12.53 2.29
CA VAL D 89 18.92 -13.67 2.28
C VAL D 89 18.29 -14.83 1.51
N LEU D 90 16.98 -15.02 1.66
CA LEU D 90 16.30 -16.08 0.92
C LEU D 90 16.30 -15.81 -0.57
N GLN D 92 18.45 -13.97 -2.22
CA GLN D 92 19.81 -14.14 -2.71
C GLN D 92 20.10 -15.59 -3.09
N ASP D 93 19.36 -16.54 -2.50
CA ASP D 93 19.50 -17.95 -2.85
C ASP D 93 18.74 -18.24 -4.14
N LYS D 94 17.42 -18.11 -4.10
CA LYS D 94 16.56 -18.29 -5.27
C LYS D 94 15.61 -17.10 -5.34
N ARG D 95 15.72 -16.32 -6.42
CA ARG D 95 14.95 -15.08 -6.50
C ARG D 95 13.46 -15.33 -6.56
N THR D 96 13.03 -16.48 -7.10
CA THR D 96 11.60 -16.70 -7.30
C THR D 96 10.82 -16.72 -6.00
N ILE D 97 11.47 -17.00 -4.87
CA ILE D 97 10.75 -16.98 -3.59
C ILE D 97 10.27 -15.57 -3.26
N GLY D 98 10.83 -14.55 -3.91
CA GLY D 98 10.29 -13.21 -3.78
C GLY D 98 8.85 -13.10 -4.23
N LEU D 99 8.37 -14.07 -5.02
CA LEU D 99 6.96 -14.09 -5.39
C LEU D 99 6.08 -14.44 -4.20
N ASP D 100 6.60 -15.25 -3.27
CA ASP D 100 5.83 -15.72 -2.13
C ASP D 100 6.19 -14.97 -0.85
N LEU D 101 7.05 -13.97 -0.93
CA LEU D 101 7.40 -13.08 0.16
C LEU D 101 6.89 -11.67 -0.14
N PRO D 102 6.58 -10.85 0.88
CA PRO D 102 6.71 -11.10 2.32
C PRO D 102 5.70 -12.12 2.87
N ILE D 103 5.87 -12.46 4.15
CA ILE D 103 5.01 -13.45 4.79
C ILE D 103 3.55 -13.01 4.70
N ARG D 104 2.67 -13.97 4.44
CA ARG D 104 1.25 -13.70 4.29
C ARG D 104 0.47 -14.50 5.33
N ALA D 105 -0.56 -13.88 5.89
CA ALA D 105 -1.45 -14.54 6.83
C ALA D 105 -2.89 -14.15 6.48
N LEU D 106 -3.79 -15.12 6.53
CA LEU D 106 -5.19 -14.93 6.20
C LEU D 106 -6.04 -15.26 7.41
N ALA D 107 -6.79 -14.26 7.90
CA ALA D 107 -7.80 -14.46 8.93
C ALA D 107 -9.17 -14.46 8.27
N TRP D 108 -9.99 -15.45 8.60
CA TRP D 108 -11.27 -15.59 7.92
C TRP D 108 -12.28 -16.27 8.84
N GLU D 109 -13.54 -15.89 8.67
CA GLU D 109 -14.65 -16.41 9.45
C GLU D 109 -15.49 -17.34 8.57
N ASP D 110 -15.83 -18.51 9.10
CA ASP D 110 -16.64 -19.46 8.34
C ASP D 110 -18.13 -19.20 8.63
N GLY D 111 -18.99 -20.10 8.14
CA GLY D 111 -20.41 -19.88 8.28
C GLY D 111 -20.93 -20.05 9.69
N SER D 112 -20.27 -20.88 10.49
CA SER D 112 -20.69 -21.15 11.86
C SER D 112 -20.17 -20.11 12.85
N GLY D 113 -19.50 -19.05 12.38
CA GLY D 113 -19.02 -18.00 13.25
C GLY D 113 -17.61 -18.20 13.77
N LYS D 114 -16.96 -19.32 13.46
CA LYS D 114 -15.59 -19.54 13.90
C LYS D 114 -14.61 -18.77 13.04
N VAL D 115 -13.50 -18.36 13.65
CA VAL D 115 -12.47 -17.56 12.99
C VAL D 115 -11.21 -18.41 12.88
N TRP D 116 -10.60 -18.42 11.69
CA TRP D 116 -9.42 -19.22 11.41
C TRP D 116 -8.29 -18.34 10.93
N LEU D 117 -7.06 -18.76 11.22
CA LEU D 117 -5.84 -18.07 10.80
C LEU D 117 -5.01 -19.06 9.99
N THR D 118 -4.73 -18.72 8.73
CA THR D 118 -4.01 -19.59 7.81
C THR D 118 -2.72 -18.92 7.38
N VAL D 119 -1.61 -19.67 7.43
CA VAL D 119 -0.30 -19.18 7.00
C VAL D 119 0.39 -20.27 6.19
N ASN D 120 1.48 -19.88 5.53
CA ASN D 120 2.31 -20.83 4.81
C ASN D 120 3.33 -21.47 5.74
N ASP D 121 3.55 -22.77 5.55
CA ASP D 121 4.69 -23.43 6.18
C ASP D 121 5.97 -22.95 5.48
N PRO D 122 6.86 -22.26 6.19
CA PRO D 122 8.07 -21.75 5.50
C PRO D 122 8.95 -22.82 4.90
N ALA D 123 9.07 -23.98 5.57
CA ALA D 123 9.86 -25.07 5.00
C ALA D 123 9.26 -25.59 3.71
N TRP D 124 7.93 -25.52 3.58
CA TRP D 124 7.28 -25.91 2.33
C TRP D 124 7.62 -24.92 1.23
N LEU D 125 7.59 -23.62 1.53
CA LEU D 125 7.97 -22.61 0.54
C LEU D 125 9.44 -22.75 0.14
N ALA D 126 10.28 -23.22 1.06
CA ALA D 126 11.68 -23.44 0.71
C ALA D 126 11.83 -24.58 -0.29
N GLN D 127 11.07 -25.67 -0.10
CA GLN D 127 11.10 -26.75 -1.08
C GLN D 127 10.57 -26.29 -2.43
N ARG D 128 9.50 -25.50 -2.43
CA ARG D 128 8.88 -25.09 -3.69
C ARG D 128 9.86 -24.36 -4.58
N HIS D 129 10.74 -23.55 -4.00
CA HIS D 129 11.72 -22.77 -4.75
C HIS D 129 13.11 -23.40 -4.72
N SER D 130 13.25 -24.61 -4.17
CA SER D 130 14.51 -25.35 -4.15
C SER D 130 15.63 -24.54 -3.50
N LEU D 131 15.34 -24.00 -2.31
CA LEU D 131 16.37 -23.29 -1.57
C LEU D 131 17.45 -24.25 -1.09
N GLY D 132 18.66 -23.72 -0.91
CA GLY D 132 19.82 -24.52 -0.58
C GLY D 132 20.19 -24.47 0.89
N LEU D 133 21.32 -25.11 1.19
CA LEU D 133 21.82 -25.20 2.56
C LEU D 133 22.09 -23.81 3.15
N SER D 134 22.53 -22.86 2.32
CA SER D 134 22.89 -21.55 2.82
C SER D 134 21.69 -20.75 3.31
N SER D 135 20.46 -21.26 3.11
CA SER D 135 19.26 -20.58 3.57
C SER D 135 18.66 -21.22 4.82
N ASP D 136 19.31 -22.24 5.39
CA ASP D 136 18.71 -22.97 6.51
C ASP D 136 18.50 -22.07 7.72
N VAL D 137 19.45 -21.17 7.99
CA VAL D 137 19.29 -20.26 9.12
C VAL D 137 18.12 -19.31 8.89
N ALA D 138 18.00 -18.78 7.68
CA ALA D 138 16.93 -17.83 7.39
C ALA D 138 15.57 -18.53 7.35
N ILE D 139 15.52 -19.77 6.86
CA ILE D 139 14.27 -20.51 6.86
C ILE D 139 13.81 -20.77 8.28
N LYS D 140 14.73 -21.17 9.16
CA LYS D 140 14.36 -21.42 10.55
C LYS D 140 13.89 -20.15 11.23
N ALA D 141 14.49 -19.01 10.89
CA ALA D 141 14.03 -17.74 11.43
C ALA D 141 12.62 -17.42 10.95
N VAL D 143 10.37 -19.65 10.09
CA VAL D 143 9.52 -20.56 10.84
C VAL D 143 9.26 -20.02 12.24
N THR D 144 10.28 -19.47 12.88
CA THR D 144 10.12 -18.92 14.22
C THR D 144 9.21 -17.70 14.20
N GLY D 145 9.45 -16.77 13.28
CA GLY D 145 8.61 -15.59 13.20
C GLY D 145 7.16 -15.92 12.89
N THR D 146 6.95 -16.83 11.93
CA THR D 146 5.58 -17.23 11.58
C THR D 146 4.87 -17.88 12.77
N GLY D 147 5.53 -18.83 13.42
CA GLY D 147 4.91 -19.53 14.53
C GLY D 147 4.63 -18.64 15.72
N THR D 148 5.51 -17.66 15.98
CA THR D 148 5.32 -16.78 17.13
C THR D 148 4.17 -15.80 16.87
N VAL D 149 4.10 -15.23 15.67
CA VAL D 149 3.01 -14.32 15.34
C VAL D 149 1.68 -15.06 15.33
N THR D 150 1.68 -16.29 14.79
CA THR D 150 0.44 -17.07 14.69
C THR D 150 -0.07 -17.48 16.07
N LYS D 151 0.84 -17.93 16.94
CA LYS D 151 0.43 -18.33 18.28
C LYS D 151 -0.17 -17.17 19.04
N TYR D 152 0.44 -15.98 18.94
CA TYR D 152 -0.09 -14.83 19.66
C TYR D 152 -1.40 -14.34 19.07
N ALA D 153 -1.48 -14.28 17.74
CA ALA D 153 -2.65 -13.70 17.10
C ALA D 153 -3.90 -14.56 17.33
N ALA D 154 -3.76 -15.88 17.21
CA ALA D 154 -4.90 -16.78 17.39
C ALA D 154 -5.19 -17.05 18.87
N GLY D 155 -4.20 -16.93 19.74
CA GLY D 155 -4.36 -17.18 21.15
C GLY D 155 -4.84 -15.96 21.90
N ASP D 156 -4.72 -16.03 23.23
CA ASP D 156 -5.15 -14.95 24.09
C ASP D 156 -4.06 -14.58 25.09
#